data_1H94
#
_entry.id   1H94
#
_cell.length_a   131.900
_cell.length_b   45.200
_cell.length_c   93.500
_cell.angle_alpha   90.00
_cell.angle_beta   107.10
_cell.angle_gamma   90.00
#
_symmetry.space_group_name_H-M   'C 1 2 1'
#
loop_
_entity.id
_entity.type
_entity.pdbx_description
1 polymer 'GLUCOSE 6-PHOSPHATE 1-DEHYDROGENASE'
2 non-polymer NICOTINAMIDE-ADENINE-DINUCLEOTIDE
3 water water
#
_entity_poly.entity_id   1
_entity_poly.type   'polypeptide(L)'
_entity_poly.pdbx_seq_one_letter_code
;VSEIKTLVTFFGGTGDLAKRKLYPSVFNLYKKGYLQKHFAIVGTARQALNDDEFKQLVRDSIKDFTDDQAQAEAFIEHFS
YRAHDVTDAASYAVLKEAIEEAADKFDIDGNRIFYMSVAPRFFGTIAKYLKSEGLLADTGYNRLMIEKPFGTSYDTAAEL
QNDLENAFDDNQLFRIDHYLGKEMVQNIAALRFGNPIFDAAWNKDYIKNVQVTLCEVLGVEERAGYYDTAGALLDMIQNH
TMQIVGWLAMEKPESFTDKDIRAAKNAAFNALKIYDEAEVNKYFVRAQYGAGDSADFKPYLEELDVPADSKNNTFIAGEL
QFDLPRWEGVPFYVRSGKRLAAKQTRVDIVFKAGTFNFGSEQEAQEAVLSIIIDPKGAIELKLNAKSVEDAFNTRTIDLG
WTVSDEDKKNTPEPYERMIHDTMNGDGSNFADWNGVSIAWKFVDAISAVYTADKAPLETYKSGSMGPEASDKLLAANGDA
WVFKG
;
_entity_poly.pdbx_strand_id   A
#
loop_
_chem_comp.id
_chem_comp.type
_chem_comp.name
_chem_comp.formula
NAD non-polymer NICOTINAMIDE-ADENINE-DINUCLEOTIDE 'C21 H27 N7 O14 P2'
#
# COMPACT_ATOMS: atom_id res chain seq x y z
N VAL A 1 -21.52 4.85 -20.46
CA VAL A 1 -21.05 3.63 -19.75
C VAL A 1 -22.07 3.36 -18.63
N SER A 2 -21.92 2.26 -17.90
CA SER A 2 -22.83 1.92 -16.80
C SER A 2 -22.75 2.88 -15.62
N GLU A 3 -23.91 3.24 -15.09
CA GLU A 3 -24.02 4.17 -13.97
C GLU A 3 -23.92 3.48 -12.61
N ILE A 4 -23.14 4.08 -11.72
CA ILE A 4 -22.94 3.58 -10.36
C ILE A 4 -23.89 4.31 -9.40
N LYS A 5 -24.88 3.59 -8.88
CA LYS A 5 -25.84 4.18 -7.94
C LYS A 5 -25.34 3.95 -6.51
N THR A 6 -24.82 5.00 -5.90
CA THR A 6 -24.29 4.90 -4.55
C THR A 6 -24.47 6.22 -3.80
N LEU A 7 -24.37 6.14 -2.48
CA LEU A 7 -24.47 7.29 -1.61
C LEU A 7 -23.27 7.10 -0.72
N VAL A 8 -22.35 8.06 -0.74
CA VAL A 8 -21.12 7.97 0.06
C VAL A 8 -21.11 9.00 1.19
N THR A 9 -20.74 8.56 2.38
CA THR A 9 -20.66 9.44 3.54
C THR A 9 -19.20 9.57 3.95
N PHE A 10 -18.70 10.79 3.97
CA PHE A 10 -17.31 11.04 4.31
C PHE A 10 -17.15 11.56 5.73
N PHE A 11 -16.78 10.68 6.66
CA PHE A 11 -16.56 11.11 8.04
C PHE A 11 -15.22 11.85 8.02
N GLY A 12 -15.27 13.15 8.26
CA GLY A 12 -14.06 13.97 8.23
C GLY A 12 -13.94 14.61 6.87
N GLY A 13 -15.10 14.96 6.30
CA GLY A 13 -15.17 15.55 4.98
C GLY A 13 -14.61 16.94 4.79
N THR A 14 -13.89 17.48 5.77
CA THR A 14 -13.31 18.81 5.62
C THR A 14 -11.80 18.76 5.78
N GLY A 15 -11.27 17.55 6.00
CA GLY A 15 -9.85 17.37 6.21
C GLY A 15 -8.98 17.50 4.97
N ASP A 16 -7.70 17.20 5.12
CA ASP A 16 -6.71 17.28 4.05
C ASP A 16 -7.01 16.26 2.97
N LEU A 17 -6.87 14.98 3.30
CA LEU A 17 -7.12 13.89 2.37
C LEU A 17 -8.46 14.07 1.67
N ALA A 18 -9.45 14.55 2.42
CA ALA A 18 -10.78 14.78 1.89
C ALA A 18 -10.79 15.76 0.73
N LYS A 19 -10.37 16.99 0.98
CA LYS A 19 -10.38 17.99 -0.07
C LYS A 19 -9.19 17.96 -1.01
N ARG A 20 -8.21 17.11 -0.74
CA ARG A 20 -7.03 17.05 -1.61
C ARG A 20 -6.97 15.84 -2.56
N LYS A 21 -7.65 14.74 -2.19
CA LYS A 21 -7.66 13.55 -3.02
C LYS A 21 -9.02 12.87 -3.14
N LEU A 22 -9.71 12.71 -2.02
CA LEU A 22 -11.03 12.07 -2.02
C LEU A 22 -12.00 12.75 -2.96
N TYR A 23 -12.22 14.04 -2.76
CA TYR A 23 -13.14 14.78 -3.60
C TYR A 23 -12.75 14.81 -5.07
N PRO A 24 -11.46 15.03 -5.39
CA PRO A 24 -11.03 15.04 -6.79
C PRO A 24 -11.28 13.68 -7.45
N SER A 25 -10.93 12.61 -6.76
CA SER A 25 -11.13 11.25 -7.26
C SER A 25 -12.60 11.02 -7.58
N VAL A 26 -13.48 11.46 -6.69
CA VAL A 26 -14.90 11.31 -6.90
C VAL A 26 -15.35 12.14 -8.10
N PHE A 27 -14.66 13.24 -8.37
CA PHE A 27 -15.03 14.08 -9.51
C PHE A 27 -14.64 13.39 -10.82
N ASN A 28 -13.49 12.73 -10.83
CA ASN A 28 -13.04 12.02 -12.02
C ASN A 28 -14.07 10.95 -12.40
N LEU A 29 -14.61 10.25 -11.41
CA LEU A 29 -15.62 9.23 -11.66
C LEU A 29 -16.90 9.85 -12.22
N TYR A 30 -17.04 11.16 -12.06
CA TYR A 30 -18.18 11.87 -12.59
C TYR A 30 -17.83 12.27 -14.02
N LYS A 31 -16.60 12.74 -14.23
CA LYS A 31 -16.14 13.14 -15.56
C LYS A 31 -16.20 11.96 -16.54
N LYS A 32 -15.80 10.79 -16.08
CA LYS A 32 -15.81 9.58 -16.90
C LYS A 32 -17.21 9.00 -17.07
N GLY A 33 -18.24 9.74 -16.65
CA GLY A 33 -19.60 9.28 -16.79
C GLY A 33 -20.09 8.13 -15.92
N TYR A 34 -19.26 7.66 -14.98
CA TYR A 34 -19.67 6.56 -14.10
C TYR A 34 -20.76 7.02 -13.12
N LEU A 35 -20.58 8.21 -12.57
CA LEU A 35 -21.54 8.80 -11.66
C LEU A 35 -22.29 9.83 -12.49
N GLN A 36 -23.60 9.69 -12.60
CA GLN A 36 -24.40 10.63 -13.39
C GLN A 36 -25.46 11.38 -12.61
N LYS A 37 -26.49 10.66 -12.15
CA LYS A 37 -27.58 11.28 -11.39
C LYS A 37 -27.96 10.67 -10.03
N HIS A 38 -28.28 9.38 -10.02
CA HIS A 38 -28.69 8.70 -8.78
C HIS A 38 -27.53 8.49 -7.81
N PHE A 39 -26.92 9.58 -7.38
CA PHE A 39 -25.81 9.50 -6.44
C PHE A 39 -25.79 10.79 -5.62
N ALA A 40 -25.21 10.70 -4.43
CA ALA A 40 -25.10 11.82 -3.52
C ALA A 40 -23.93 11.60 -2.58
N ILE A 41 -23.36 12.70 -2.10
CA ILE A 41 -22.22 12.68 -1.20
C ILE A 41 -22.62 13.47 0.05
N VAL A 42 -22.54 12.85 1.21
CA VAL A 42 -22.88 13.52 2.46
C VAL A 42 -21.62 13.76 3.27
N GLY A 43 -21.18 15.01 3.34
CA GLY A 43 -19.99 15.33 4.11
C GLY A 43 -20.38 15.39 5.57
N THR A 44 -19.40 15.34 6.47
CA THR A 44 -19.69 15.38 7.89
C THR A 44 -18.40 15.62 8.67
N ALA A 45 -18.56 16.33 9.79
CA ALA A 45 -17.46 16.69 10.68
C ALA A 45 -18.09 17.45 11.85
N ARG A 46 -17.25 18.13 12.63
CA ARG A 46 -17.75 18.88 13.78
C ARG A 46 -18.21 20.30 13.43
N GLN A 47 -17.51 20.97 12.50
CA GLN A 47 -17.87 22.33 12.10
C GLN A 47 -19.29 22.38 11.51
N ALA A 48 -20.01 23.45 11.81
CA ALA A 48 -21.37 23.61 11.31
C ALA A 48 -21.40 24.44 10.03
N LEU A 49 -20.45 24.19 9.13
CA LEU A 49 -20.41 24.91 7.85
C LEU A 49 -21.75 24.60 7.20
N ASN A 50 -22.50 25.66 6.86
CA ASN A 50 -23.81 25.48 6.26
C ASN A 50 -23.75 25.00 4.80
N ASP A 51 -24.86 24.43 4.34
CA ASP A 51 -24.97 23.89 2.99
C ASP A 51 -24.41 24.70 1.83
N ASP A 52 -24.25 26.02 1.99
CA ASP A 52 -23.70 26.85 0.92
C ASP A 52 -22.19 26.91 1.05
N GLU A 53 -21.71 26.87 2.30
CA GLU A 53 -20.29 26.94 2.61
C GLU A 53 -19.57 25.66 2.19
N PHE A 54 -20.26 24.53 2.32
CA PHE A 54 -19.70 23.24 1.96
C PHE A 54 -19.41 23.23 0.46
N LYS A 55 -20.43 23.53 -0.34
CA LYS A 55 -20.31 23.54 -1.79
C LYS A 55 -19.09 24.32 -2.29
N GLN A 56 -18.86 25.50 -1.72
CA GLN A 56 -17.71 26.32 -2.11
C GLN A 56 -16.42 25.57 -1.79
N LEU A 57 -16.40 24.93 -0.62
CA LEU A 57 -15.26 24.16 -0.15
C LEU A 57 -14.87 23.09 -1.17
N VAL A 58 -15.88 22.36 -1.67
CA VAL A 58 -15.66 21.31 -2.65
C VAL A 58 -15.24 21.90 -4.00
N ARG A 59 -15.80 23.06 -4.33
CA ARG A 59 -15.47 23.74 -5.58
C ARG A 59 -13.98 24.10 -5.63
N ASP A 60 -13.35 24.22 -4.47
CA ASP A 60 -11.94 24.55 -4.43
C ASP A 60 -11.04 23.32 -4.57
N SER A 61 -11.55 22.16 -4.16
CA SER A 61 -10.80 20.92 -4.24
C SER A 61 -10.77 20.42 -5.67
N ILE A 62 -11.90 20.55 -6.35
CA ILE A 62 -12.03 20.13 -7.74
C ILE A 62 -11.80 21.34 -8.65
N LYS A 63 -11.17 22.37 -8.08
CA LYS A 63 -10.88 23.62 -8.78
C LYS A 63 -9.92 23.46 -9.97
N ASP A 64 -8.65 23.22 -9.66
CA ASP A 64 -7.64 23.08 -10.70
C ASP A 64 -7.91 22.10 -11.84
N PHE A 65 -8.67 21.02 -11.58
CA PHE A 65 -8.96 20.13 -12.70
C PHE A 65 -10.40 20.08 -13.20
N THR A 66 -10.86 21.26 -13.63
CA THR A 66 -12.19 21.46 -14.21
C THR A 66 -12.01 22.58 -15.22
N ASP A 67 -12.76 22.51 -16.31
CA ASP A 67 -12.71 23.58 -17.31
C ASP A 67 -14.12 24.02 -17.65
N ASP A 68 -15.03 23.08 -17.88
CA ASP A 68 -16.41 23.46 -18.13
C ASP A 68 -16.95 23.62 -16.71
N GLN A 69 -17.11 24.86 -16.27
CA GLN A 69 -17.59 25.16 -14.93
C GLN A 69 -19.02 24.65 -14.70
N ALA A 70 -19.81 24.58 -15.78
CA ALA A 70 -21.18 24.09 -15.71
C ALA A 70 -21.21 22.61 -15.32
N GLN A 71 -20.14 21.90 -15.67
CA GLN A 71 -19.98 20.48 -15.35
C GLN A 71 -19.75 20.39 -13.83
N ALA A 72 -18.97 21.33 -13.32
CA ALA A 72 -18.65 21.39 -11.91
C ALA A 72 -19.90 21.61 -11.06
N GLU A 73 -20.63 22.68 -11.35
CA GLU A 73 -21.84 23.01 -10.61
C GLU A 73 -22.85 21.86 -10.52
N ALA A 74 -23.12 21.22 -11.66
CA ALA A 74 -24.07 20.12 -11.71
C ALA A 74 -23.65 18.96 -10.81
N PHE A 75 -22.34 18.83 -10.59
CA PHE A 75 -21.77 17.77 -9.74
C PHE A 75 -21.93 18.18 -8.28
N ILE A 76 -21.39 19.37 -7.96
CA ILE A 76 -21.43 19.93 -6.63
C ILE A 76 -22.84 19.93 -6.02
N GLU A 77 -23.87 20.01 -6.85
CA GLU A 77 -25.25 20.01 -6.38
C GLU A 77 -25.71 18.65 -5.81
N HIS A 78 -24.84 17.66 -5.81
CA HIS A 78 -25.16 16.34 -5.27
C HIS A 78 -24.59 16.18 -3.86
N PHE A 79 -23.99 17.27 -3.35
CA PHE A 79 -23.39 17.28 -2.03
C PHE A 79 -24.31 17.95 -1.00
N SER A 80 -24.22 17.50 0.24
CA SER A 80 -24.98 18.05 1.36
C SER A 80 -24.08 17.95 2.59
N TYR A 81 -24.37 18.74 3.61
CA TYR A 81 -23.56 18.72 4.81
C TYR A 81 -24.39 18.67 6.09
N ARG A 82 -23.78 18.16 7.15
CA ARG A 82 -24.43 18.04 8.45
C ARG A 82 -23.35 18.02 9.51
N ALA A 83 -23.54 18.83 10.57
CA ALA A 83 -22.59 18.88 11.67
C ALA A 83 -22.86 17.64 12.51
N HIS A 84 -21.81 17.03 13.07
CA HIS A 84 -22.00 15.81 13.84
C HIS A 84 -20.77 15.31 14.60
N ASP A 85 -20.96 15.03 15.88
CA ASP A 85 -19.90 14.49 16.73
C ASP A 85 -20.08 12.98 16.73
N VAL A 86 -19.03 12.25 16.39
CA VAL A 86 -19.06 10.78 16.29
C VAL A 86 -19.25 10.01 17.59
N THR A 87 -19.06 10.69 18.72
CA THR A 87 -19.23 10.05 20.02
C THR A 87 -20.66 10.21 20.51
N ASP A 88 -21.34 11.26 20.04
CA ASP A 88 -22.71 11.52 20.46
C ASP A 88 -23.68 10.61 19.71
N ALA A 89 -24.26 9.65 20.44
CA ALA A 89 -25.21 8.71 19.86
C ALA A 89 -26.43 9.37 19.18
N ALA A 90 -26.91 10.47 19.75
CA ALA A 90 -28.07 11.16 19.19
C ALA A 90 -27.70 11.92 17.91
N SER A 91 -26.48 12.44 17.86
CA SER A 91 -26.01 13.16 16.69
C SER A 91 -26.20 12.31 15.42
N TYR A 92 -26.07 11.00 15.56
CA TYR A 92 -26.24 10.07 14.46
C TYR A 92 -27.64 10.14 13.87
N ALA A 93 -28.63 10.36 14.72
CA ALA A 93 -30.01 10.45 14.25
C ALA A 93 -30.16 11.65 13.31
N VAL A 94 -29.28 12.63 13.48
CA VAL A 94 -29.28 13.84 12.65
C VAL A 94 -28.69 13.47 11.29
N LEU A 95 -27.60 12.69 11.32
CA LEU A 95 -26.93 12.25 10.11
C LEU A 95 -27.90 11.39 9.31
N LYS A 96 -28.58 10.47 9.99
CA LYS A 96 -29.55 9.59 9.35
C LYS A 96 -30.59 10.37 8.54
N GLU A 97 -30.90 11.59 9.00
CA GLU A 97 -31.87 12.44 8.32
C GLU A 97 -31.24 13.02 7.05
N ALA A 98 -29.96 13.37 7.12
CA ALA A 98 -29.25 13.93 5.97
C ALA A 98 -29.12 12.87 4.87
N ILE A 99 -28.85 11.63 5.28
CA ILE A 99 -28.71 10.51 4.38
C ILE A 99 -30.05 10.07 3.79
N GLU A 100 -31.04 9.83 4.65
CA GLU A 100 -32.38 9.41 4.20
C GLU A 100 -33.03 10.47 3.31
N GLU A 101 -32.56 11.70 3.42
CA GLU A 101 -33.08 12.79 2.60
C GLU A 101 -32.42 12.78 1.22
N ALA A 102 -31.08 12.72 1.20
CA ALA A 102 -30.32 12.69 -0.05
C ALA A 102 -30.75 11.49 -0.90
N ALA A 103 -31.04 10.37 -0.25
CA ALA A 103 -31.49 9.16 -0.92
C ALA A 103 -32.78 9.46 -1.67
N ASP A 104 -33.73 10.09 -0.98
CA ASP A 104 -35.01 10.43 -1.56
C ASP A 104 -34.84 11.39 -2.73
N LYS A 105 -34.02 12.43 -2.53
CA LYS A 105 -33.79 13.43 -3.57
C LYS A 105 -33.30 12.87 -4.92
N PHE A 106 -32.42 11.87 -4.86
CA PHE A 106 -31.87 11.27 -6.08
C PHE A 106 -32.27 9.81 -6.30
N ASP A 107 -33.36 9.39 -5.66
CA ASP A 107 -33.87 8.02 -5.77
C ASP A 107 -32.76 6.96 -5.68
N ILE A 108 -31.95 7.05 -4.63
CA ILE A 108 -30.87 6.09 -4.43
C ILE A 108 -31.38 4.99 -3.52
N ASP A 109 -31.53 3.79 -4.08
CA ASP A 109 -32.03 2.66 -3.31
C ASP A 109 -30.88 1.96 -2.60
N GLY A 110 -30.60 2.39 -1.38
CA GLY A 110 -29.52 1.78 -0.62
C GLY A 110 -28.14 2.10 -1.17
N ASN A 111 -27.27 1.11 -1.17
CA ASN A 111 -25.89 1.23 -1.68
C ASN A 111 -25.13 2.36 -1.00
N ARG A 112 -24.82 2.14 0.26
CA ARG A 112 -24.12 3.15 1.02
C ARG A 112 -22.71 2.76 1.38
N ILE A 113 -21.82 3.73 1.25
CA ILE A 113 -20.41 3.55 1.57
C ILE A 113 -20.07 4.58 2.64
N PHE A 114 -19.48 4.12 3.73
CA PHE A 114 -19.10 4.99 4.81
C PHE A 114 -17.57 5.09 4.84
N TYR A 115 -17.06 6.26 4.47
CA TYR A 115 -15.63 6.49 4.44
C TYR A 115 -15.21 7.13 5.76
N MET A 116 -14.28 6.49 6.46
CA MET A 116 -13.83 7.02 7.74
C MET A 116 -12.48 7.70 7.62
N SER A 117 -12.50 9.02 7.49
CA SER A 117 -11.27 9.80 7.39
C SER A 117 -11.08 10.49 8.76
N VAL A 118 -11.22 9.72 9.84
CA VAL A 118 -11.08 10.24 11.20
C VAL A 118 -9.92 9.56 11.93
N ALA A 119 -9.63 10.00 13.15
CA ALA A 119 -8.56 9.41 13.95
C ALA A 119 -8.83 7.92 14.18
N PRO A 120 -7.77 7.10 14.19
CA PRO A 120 -7.84 5.64 14.37
C PRO A 120 -8.73 5.18 15.53
N ARG A 121 -8.70 5.89 16.64
CA ARG A 121 -9.49 5.53 17.82
C ARG A 121 -11.01 5.57 17.62
N PHE A 122 -11.48 6.43 16.72
CA PHE A 122 -12.92 6.57 16.46
C PHE A 122 -13.51 5.44 15.61
N PHE A 123 -12.66 4.67 14.95
CA PHE A 123 -13.11 3.59 14.06
C PHE A 123 -14.12 2.65 14.70
N GLY A 124 -13.80 2.17 15.91
CA GLY A 124 -14.69 1.26 16.61
C GLY A 124 -16.05 1.86 16.93
N THR A 125 -16.06 3.11 17.38
CA THR A 125 -17.28 3.81 17.75
C THR A 125 -18.25 4.02 16.58
N ILE A 126 -17.74 4.64 15.51
CA ILE A 126 -18.56 4.92 14.33
C ILE A 126 -19.22 3.63 13.83
N ALA A 127 -18.44 2.56 13.77
CA ALA A 127 -18.96 1.28 13.32
C ALA A 127 -20.15 0.90 14.18
N LYS A 128 -19.92 0.92 15.50
CA LYS A 128 -20.95 0.57 16.47
C LYS A 128 -22.25 1.38 16.30
N TYR A 129 -22.14 2.70 16.18
CA TYR A 129 -23.33 3.54 16.03
C TYR A 129 -24.03 3.40 14.68
N LEU A 130 -23.26 3.20 13.61
CA LEU A 130 -23.85 3.06 12.28
C LEU A 130 -24.94 1.98 12.31
N LYS A 131 -24.64 0.87 12.98
CA LYS A 131 -25.58 -0.23 13.09
C LYS A 131 -26.72 -0.01 14.10
N SER A 132 -26.36 0.37 15.33
CA SER A 132 -27.35 0.59 16.40
C SER A 132 -28.32 1.74 16.15
N GLU A 133 -27.79 2.86 15.67
CA GLU A 133 -28.63 4.03 15.38
C GLU A 133 -29.34 3.95 14.03
N GLY A 134 -29.13 2.85 13.33
CA GLY A 134 -29.79 2.63 12.04
C GLY A 134 -29.42 3.44 10.81
N LEU A 135 -28.13 3.68 10.60
CA LEU A 135 -27.71 4.43 9.40
C LEU A 135 -27.48 3.47 8.25
N LEU A 136 -27.35 2.19 8.57
CA LEU A 136 -27.13 1.14 7.58
C LEU A 136 -28.33 0.97 6.66
N ALA A 137 -28.05 0.86 5.36
CA ALA A 137 -29.07 0.68 4.33
C ALA A 137 -29.79 -0.65 4.43
N ASP A 138 -31.11 -0.61 4.33
CA ASP A 138 -31.94 -1.81 4.40
C ASP A 138 -31.85 -2.61 3.10
N THR A 139 -31.63 -1.88 2.01
CA THR A 139 -31.51 -2.48 0.67
C THR A 139 -30.10 -2.23 0.13
N GLY A 140 -29.72 -2.98 -0.90
CA GLY A 140 -28.41 -2.82 -1.49
C GLY A 140 -27.30 -3.22 -0.53
N TYR A 141 -26.17 -2.54 -0.62
CA TYR A 141 -25.01 -2.85 0.23
C TYR A 141 -24.66 -1.76 1.24
N ASN A 142 -23.74 -2.12 2.13
CA ASN A 142 -23.23 -1.25 3.18
C ASN A 142 -21.77 -1.62 3.26
N ARG A 143 -20.90 -0.70 2.87
CA ARG A 143 -19.47 -0.95 2.89
C ARG A 143 -18.71 0.12 3.66
N LEU A 144 -17.66 -0.32 4.34
CA LEU A 144 -16.86 0.58 5.15
C LEU A 144 -15.44 0.66 4.63
N MET A 145 -14.94 1.87 4.44
CA MET A 145 -13.58 2.05 3.98
C MET A 145 -12.76 2.55 5.16
N ILE A 146 -11.84 1.71 5.64
CA ILE A 146 -11.01 2.08 6.77
C ILE A 146 -9.66 2.64 6.35
N GLU A 147 -9.42 3.89 6.72
CA GLU A 147 -8.18 4.58 6.39
C GLU A 147 -7.01 4.06 7.24
N LYS A 148 -5.78 4.39 6.83
CA LYS A 148 -4.58 3.94 7.55
C LYS A 148 -4.35 4.65 8.88
N PRO A 149 -3.85 3.92 9.90
CA PRO A 149 -3.47 2.50 9.88
C PRO A 149 -4.51 1.63 10.60
N PHE A 150 -4.36 0.32 10.46
CA PHE A 150 -5.27 -0.64 11.07
C PHE A 150 -4.50 -1.29 12.23
N GLY A 151 -4.59 -0.69 13.41
CA GLY A 151 -3.90 -1.22 14.57
C GLY A 151 -2.46 -0.74 14.62
N THR A 152 -1.80 -1.00 15.74
CA THR A 152 -0.40 -0.62 15.95
C THR A 152 0.38 -1.84 16.46
N SER A 153 -0.30 -2.97 16.48
CA SER A 153 0.24 -4.25 16.92
C SER A 153 -0.83 -5.30 16.64
N TYR A 154 -0.54 -6.56 16.93
CA TYR A 154 -1.53 -7.61 16.70
C TYR A 154 -2.69 -7.42 17.67
N ASP A 155 -2.37 -7.15 18.93
CA ASP A 155 -3.36 -6.95 19.97
C ASP A 155 -4.39 -5.87 19.60
N THR A 156 -3.91 -4.68 19.24
CA THR A 156 -4.80 -3.59 18.88
C THR A 156 -5.60 -3.80 17.60
N ALA A 157 -4.99 -4.44 16.60
CA ALA A 157 -5.67 -4.71 15.33
C ALA A 157 -6.78 -5.73 15.57
N ALA A 158 -6.52 -6.67 16.49
CA ALA A 158 -7.51 -7.68 16.84
C ALA A 158 -8.72 -6.97 17.48
N GLU A 159 -8.44 -5.99 18.34
CA GLU A 159 -9.51 -5.23 18.99
C GLU A 159 -10.37 -4.55 17.93
N LEU A 160 -9.72 -3.82 17.03
CA LEU A 160 -10.40 -3.10 15.97
C LEU A 160 -11.28 -4.06 15.17
N GLN A 161 -10.70 -5.17 14.75
CA GLN A 161 -11.42 -6.18 13.96
C GLN A 161 -12.66 -6.68 14.68
N ASN A 162 -12.52 -6.97 15.97
CA ASN A 162 -13.65 -7.47 16.75
C ASN A 162 -14.78 -6.44 16.86
N ASP A 163 -14.43 -5.16 16.96
CA ASP A 163 -15.42 -4.08 17.05
C ASP A 163 -16.15 -3.97 15.72
N LEU A 164 -15.39 -3.95 14.63
CA LEU A 164 -15.94 -3.86 13.28
C LEU A 164 -16.84 -5.05 12.94
N GLU A 165 -16.43 -6.23 13.40
CA GLU A 165 -17.18 -7.47 13.16
C GLU A 165 -18.61 -7.40 13.70
N ASN A 166 -18.82 -6.58 14.72
CA ASN A 166 -20.14 -6.42 15.33
C ASN A 166 -21.19 -5.95 14.34
N ALA A 167 -20.78 -5.12 13.40
CA ALA A 167 -21.69 -4.57 12.39
C ALA A 167 -21.44 -5.03 10.96
N PHE A 168 -20.19 -5.33 10.61
CA PHE A 168 -19.83 -5.76 9.25
C PHE A 168 -19.07 -7.08 9.16
N ASP A 169 -19.25 -7.78 8.05
CA ASP A 169 -18.51 -9.01 7.81
C ASP A 169 -17.20 -8.53 7.19
N ASP A 170 -16.14 -9.33 7.31
CA ASP A 170 -14.84 -8.94 6.77
C ASP A 170 -14.82 -8.51 5.31
N ASN A 171 -15.64 -9.13 4.47
CA ASN A 171 -15.68 -8.79 3.05
C ASN A 171 -16.29 -7.42 2.78
N GLN A 172 -17.02 -6.87 3.75
CA GLN A 172 -17.63 -5.55 3.61
C GLN A 172 -16.65 -4.46 4.04
N LEU A 173 -15.50 -4.89 4.54
CA LEU A 173 -14.46 -3.97 5.00
C LEU A 173 -13.42 -3.75 3.91
N PHE A 174 -12.99 -2.50 3.77
CA PHE A 174 -12.01 -2.13 2.77
C PHE A 174 -10.91 -1.25 3.36
N ARG A 175 -9.83 -1.90 3.81
CA ARG A 175 -8.71 -1.19 4.39
C ARG A 175 -7.93 -0.55 3.25
N ILE A 176 -7.73 0.76 3.34
CA ILE A 176 -7.02 1.49 2.30
C ILE A 176 -5.51 1.30 2.37
N ASP A 177 -4.93 0.62 1.39
CA ASP A 177 -3.48 0.48 1.34
C ASP A 177 -3.09 1.17 0.05
N HIS A 178 -2.49 2.33 0.22
CA HIS A 178 -2.03 3.17 -0.87
C HIS A 178 -1.34 2.40 -2.02
N TYR A 179 -0.26 1.69 -1.69
CA TYR A 179 0.51 0.93 -2.68
C TYR A 179 -0.21 -0.16 -3.45
N LEU A 180 -1.21 -0.78 -2.82
CA LEU A 180 -1.96 -1.84 -3.47
C LEU A 180 -2.86 -1.29 -4.57
N GLY A 181 -2.97 0.03 -4.66
CA GLY A 181 -3.79 0.63 -5.69
C GLY A 181 -2.97 1.13 -6.87
N LYS A 182 -1.64 0.98 -6.79
CA LYS A 182 -0.76 1.41 -7.86
C LYS A 182 -0.84 0.50 -9.09
N GLU A 183 -1.02 1.12 -10.26
CA GLU A 183 -1.14 0.43 -11.55
C GLU A 183 -0.14 -0.70 -11.75
N MET A 184 1.15 -0.40 -11.58
CA MET A 184 2.21 -1.38 -11.77
C MET A 184 2.12 -2.61 -10.85
N VAL A 185 1.65 -2.41 -9.62
CA VAL A 185 1.51 -3.52 -8.68
C VAL A 185 0.45 -4.50 -9.21
N GLN A 186 -0.54 -3.96 -9.90
CA GLN A 186 -1.61 -4.78 -10.47
C GLN A 186 -1.19 -5.47 -11.77
N ASN A 187 0.04 -5.20 -12.21
CA ASN A 187 0.57 -5.80 -13.44
C ASN A 187 1.30 -7.10 -13.11
N ILE A 188 1.78 -7.21 -11.88
CA ILE A 188 2.50 -8.39 -11.42
C ILE A 188 1.75 -9.70 -11.69
N ALA A 189 0.43 -9.66 -11.55
CA ALA A 189 -0.39 -10.85 -11.77
C ALA A 189 -0.58 -11.13 -13.26
N ALA A 190 -0.65 -10.07 -14.05
CA ALA A 190 -0.81 -10.17 -15.49
C ALA A 190 0.43 -10.83 -16.11
N LEU A 191 1.61 -10.32 -15.75
CA LEU A 191 2.89 -10.83 -16.22
C LEU A 191 3.11 -12.29 -15.86
N ARG A 192 2.85 -12.63 -14.60
CA ARG A 192 3.03 -13.98 -14.10
C ARG A 192 2.07 -15.04 -14.65
N PHE A 193 0.77 -14.83 -14.50
CA PHE A 193 -0.25 -15.79 -14.95
C PHE A 193 -0.66 -15.58 -16.41
N GLY A 194 -0.21 -14.49 -17.01
CA GLY A 194 -0.54 -14.21 -18.39
C GLY A 194 0.49 -14.76 -19.36
N ASN A 195 1.65 -15.16 -18.84
CA ASN A 195 2.73 -15.68 -19.67
C ASN A 195 3.29 -16.97 -19.08
N PRO A 196 2.84 -18.13 -19.60
CA PRO A 196 3.27 -19.45 -19.12
C PRO A 196 4.75 -19.63 -18.82
N ILE A 197 5.64 -18.97 -19.56
CA ILE A 197 7.07 -19.10 -19.28
C ILE A 197 7.44 -18.62 -17.88
N PHE A 198 6.77 -17.57 -17.42
CA PHE A 198 7.03 -17.05 -16.08
C PHE A 198 6.20 -17.85 -15.08
N ASP A 199 4.94 -18.09 -15.45
CA ASP A 199 4.01 -18.85 -14.65
C ASP A 199 4.67 -20.16 -14.18
N ALA A 200 5.25 -20.90 -15.11
CA ALA A 200 5.90 -22.17 -14.79
C ALA A 200 7.25 -22.01 -14.08
N ALA A 201 7.87 -20.85 -14.24
CA ALA A 201 9.16 -20.58 -13.63
C ALA A 201 9.06 -19.95 -12.22
N TRP A 202 7.84 -19.58 -11.84
CA TRP A 202 7.59 -18.96 -10.54
C TRP A 202 7.64 -19.96 -9.36
N ASN A 203 8.85 -20.40 -9.02
CA ASN A 203 9.03 -21.34 -7.92
C ASN A 203 10.50 -21.54 -7.56
N LYS A 204 10.73 -22.42 -6.58
CA LYS A 204 12.07 -22.72 -6.09
C LYS A 204 13.04 -23.27 -7.13
N ASP A 205 12.53 -23.90 -8.18
CA ASP A 205 13.40 -24.46 -9.20
C ASP A 205 14.10 -23.45 -10.11
N TYR A 206 13.44 -22.33 -10.37
CA TYR A 206 13.99 -21.31 -11.26
C TYR A 206 14.43 -20.00 -10.63
N ILE A 207 13.88 -19.64 -9.48
CA ILE A 207 14.24 -18.37 -8.84
C ILE A 207 15.23 -18.59 -7.70
N LYS A 208 16.21 -17.71 -7.59
CA LYS A 208 17.20 -17.81 -6.52
C LYS A 208 16.84 -16.94 -5.30
N ASN A 209 16.24 -15.79 -5.54
CA ASN A 209 15.83 -14.88 -4.47
C ASN A 209 15.01 -13.73 -5.04
N VAL A 210 14.01 -13.28 -4.29
CA VAL A 210 13.15 -12.17 -4.73
C VAL A 210 13.52 -10.96 -3.87
N GLN A 211 13.60 -9.78 -4.48
CA GLN A 211 13.94 -8.55 -3.76
C GLN A 211 12.87 -7.47 -3.91
N VAL A 212 12.52 -6.79 -2.82
CA VAL A 212 11.53 -5.71 -2.87
C VAL A 212 12.18 -4.48 -2.22
N THR A 213 12.04 -3.33 -2.89
CA THR A 213 12.66 -2.09 -2.42
C THR A 213 11.73 -0.88 -2.41
N LEU A 214 11.67 -0.21 -1.25
CA LEU A 214 10.89 1.02 -1.10
C LEU A 214 11.88 2.10 -0.68
N CYS A 215 12.24 2.94 -1.63
CA CYS A 215 13.24 4.00 -1.43
C CYS A 215 12.67 5.40 -1.34
N GLU A 216 13.32 6.22 -0.51
CA GLU A 216 12.96 7.61 -0.33
C GLU A 216 14.24 8.39 -0.12
N VAL A 217 14.44 9.44 -0.91
CA VAL A 217 15.63 10.27 -0.78
C VAL A 217 15.42 11.36 0.28
N LEU A 218 14.15 11.73 0.49
CA LEU A 218 13.80 12.74 1.50
C LEU A 218 14.02 12.24 2.92
N GLY A 219 14.23 13.19 3.83
CA GLY A 219 14.43 12.86 5.24
C GLY A 219 13.07 12.83 5.91
N VAL A 220 13.07 12.89 7.24
CA VAL A 220 11.80 12.87 7.98
C VAL A 220 11.06 14.20 7.86
N GLU A 221 11.81 15.30 7.80
CA GLU A 221 11.24 16.63 7.70
C GLU A 221 10.30 16.95 8.87
N GLU A 222 9.16 17.56 8.60
CA GLU A 222 8.21 17.92 9.66
C GLU A 222 7.26 16.78 10.08
N ARG A 223 7.58 15.56 9.63
CA ARG A 223 6.80 14.37 9.95
C ARG A 223 7.38 13.65 11.18
N ALA A 224 8.43 14.26 11.75
CA ALA A 224 9.15 13.72 12.91
C ALA A 224 8.31 13.28 14.09
N GLY A 225 7.29 14.06 14.43
CA GLY A 225 6.42 13.75 15.55
C GLY A 225 5.95 12.30 15.60
N TYR A 226 5.12 11.94 14.64
CA TYR A 226 4.58 10.59 14.55
C TYR A 226 5.65 9.56 14.17
N TYR A 227 6.46 9.89 13.16
CA TYR A 227 7.48 8.98 12.65
C TYR A 227 8.44 8.40 13.70
N ASP A 228 8.81 9.19 14.69
CA ASP A 228 9.75 8.73 15.72
C ASP A 228 9.25 7.51 16.51
N THR A 229 7.94 7.31 16.54
CA THR A 229 7.39 6.17 17.27
C THR A 229 7.09 4.97 16.36
N ALA A 230 6.86 5.25 15.07
CA ALA A 230 6.56 4.21 14.10
C ALA A 230 7.82 3.68 13.39
N GLY A 231 8.59 4.59 12.80
CA GLY A 231 9.80 4.19 12.09
C GLY A 231 9.47 3.51 10.78
N ALA A 232 10.51 3.15 10.04
CA ALA A 232 10.36 2.47 8.75
C ALA A 232 9.64 1.14 8.93
N LEU A 233 10.01 0.42 9.99
CA LEU A 233 9.42 -0.89 10.31
C LEU A 233 7.89 -0.91 10.27
N LEU A 234 7.25 0.15 10.72
CA LEU A 234 5.79 0.19 10.73
C LEU A 234 5.25 1.12 9.65
N ASP A 235 6.06 2.12 9.28
CA ASP A 235 5.64 3.09 8.27
C ASP A 235 5.60 2.48 6.86
N MET A 236 6.66 1.77 6.49
CA MET A 236 6.77 1.18 5.17
C MET A 236 6.73 -0.35 5.10
N ILE A 237 7.34 -1.03 6.06
CA ILE A 237 7.38 -2.49 6.03
C ILE A 237 6.06 -3.23 6.29
N GLN A 238 5.54 -3.12 7.51
CA GLN A 238 4.30 -3.81 7.91
C GLN A 238 3.13 -3.71 6.93
N ASN A 239 2.92 -2.52 6.39
CA ASN A 239 1.81 -2.31 5.47
C ASN A 239 2.15 -2.50 3.99
N HIS A 240 2.78 -1.49 3.40
CA HIS A 240 3.12 -1.50 1.99
C HIS A 240 3.91 -2.73 1.51
N THR A 241 5.09 -2.94 2.09
CA THR A 241 5.94 -4.04 1.69
C THR A 241 5.30 -5.43 1.77
N MET A 242 4.71 -5.77 2.92
CA MET A 242 4.11 -7.10 3.08
C MET A 242 3.00 -7.37 2.07
N GLN A 243 2.20 -6.37 1.78
CA GLN A 243 1.10 -6.56 0.84
C GLN A 243 1.59 -6.69 -0.62
N ILE A 244 2.78 -6.20 -0.91
CA ILE A 244 3.35 -6.34 -2.24
C ILE A 244 3.95 -7.75 -2.28
N VAL A 245 4.63 -8.13 -1.19
CA VAL A 245 5.23 -9.46 -1.05
C VAL A 245 4.11 -10.51 -1.18
N GLY A 246 2.89 -10.11 -0.80
CA GLY A 246 1.76 -11.01 -0.89
C GLY A 246 1.45 -11.37 -2.32
N TRP A 247 1.43 -10.37 -3.20
CA TRP A 247 1.17 -10.59 -4.62
C TRP A 247 2.26 -11.47 -5.24
N LEU A 248 3.50 -11.31 -4.77
CA LEU A 248 4.64 -12.07 -5.27
C LEU A 248 4.69 -13.52 -4.82
N ALA A 249 4.47 -13.76 -3.53
CA ALA A 249 4.56 -15.12 -3.00
C ALA A 249 3.30 -15.97 -3.12
N MET A 250 2.18 -15.35 -3.48
CA MET A 250 0.91 -16.04 -3.59
C MET A 250 0.94 -17.30 -4.45
N GLU A 251 0.02 -18.22 -4.14
CA GLU A 251 -0.09 -19.45 -4.90
C GLU A 251 -0.89 -19.11 -6.14
N LYS A 252 -1.04 -20.09 -7.04
CA LYS A 252 -1.81 -19.86 -8.24
C LYS A 252 -3.27 -20.12 -7.87
N PRO A 253 -4.14 -19.10 -7.98
CA PRO A 253 -5.56 -19.21 -7.65
C PRO A 253 -6.35 -20.12 -8.57
N GLU A 254 -7.45 -20.64 -8.03
CA GLU A 254 -8.35 -21.52 -8.77
C GLU A 254 -9.19 -20.68 -9.75
N SER A 255 -9.11 -19.36 -9.60
CA SER A 255 -9.86 -18.42 -10.45
C SER A 255 -9.35 -17.01 -10.15
N PHE A 256 -9.76 -16.02 -10.94
CA PHE A 256 -9.31 -14.65 -10.73
C PHE A 256 -10.33 -13.75 -10.05
N THR A 257 -10.98 -14.25 -9.00
CA THR A 257 -11.95 -13.45 -8.26
C THR A 257 -11.30 -13.12 -6.91
N ASP A 258 -11.80 -12.08 -6.24
CA ASP A 258 -11.27 -11.68 -4.95
C ASP A 258 -11.19 -12.84 -3.95
N LYS A 259 -12.23 -13.66 -3.90
CA LYS A 259 -12.29 -14.78 -2.99
C LYS A 259 -11.13 -15.75 -3.20
N ASP A 260 -10.88 -16.12 -4.45
CA ASP A 260 -9.81 -17.04 -4.74
C ASP A 260 -8.42 -16.41 -4.65
N ILE A 261 -8.29 -15.14 -5.00
CA ILE A 261 -7.00 -14.46 -4.90
C ILE A 261 -6.57 -14.43 -3.43
N ARG A 262 -7.49 -14.01 -2.57
CA ARG A 262 -7.22 -13.94 -1.13
C ARG A 262 -6.85 -15.29 -0.56
N ALA A 263 -7.55 -16.34 -1.00
CA ALA A 263 -7.26 -17.70 -0.56
C ALA A 263 -5.83 -18.09 -0.96
N ALA A 264 -5.41 -17.65 -2.14
CA ALA A 264 -4.06 -17.93 -2.67
C ALA A 264 -2.96 -17.19 -1.92
N LYS A 265 -3.21 -15.92 -1.56
CA LYS A 265 -2.23 -15.14 -0.80
C LYS A 265 -2.10 -15.65 0.64
N ASN A 266 -3.22 -15.99 1.25
CA ASN A 266 -3.21 -16.49 2.63
C ASN A 266 -2.42 -17.77 2.79
N ALA A 267 -2.37 -18.59 1.74
CA ALA A 267 -1.61 -19.84 1.77
C ALA A 267 -0.12 -19.53 2.04
N ALA A 268 0.36 -18.43 1.48
CA ALA A 268 1.74 -18.00 1.66
C ALA A 268 1.94 -17.32 3.02
N PHE A 269 1.03 -16.41 3.37
CA PHE A 269 1.10 -15.73 4.65
C PHE A 269 1.12 -16.75 5.79
N ASN A 270 0.25 -17.77 5.71
CA ASN A 270 0.16 -18.81 6.74
C ASN A 270 1.40 -19.69 6.81
N ALA A 271 2.32 -19.50 5.87
CA ALA A 271 3.55 -20.28 5.86
C ALA A 271 4.73 -19.39 6.22
N LEU A 272 4.47 -18.08 6.35
CA LEU A 272 5.51 -17.13 6.73
C LEU A 272 6.05 -17.53 8.10
N LYS A 273 7.38 -17.52 8.21
CA LYS A 273 8.01 -17.90 9.47
C LYS A 273 8.17 -16.70 10.40
N ILE A 274 7.77 -16.89 11.66
CA ILE A 274 7.87 -15.85 12.68
C ILE A 274 9.18 -16.05 13.44
N TYR A 275 9.95 -14.98 13.62
CA TYR A 275 11.25 -15.05 14.27
C TYR A 275 11.31 -14.82 15.77
N ASP A 276 12.31 -15.44 16.40
CA ASP A 276 12.57 -15.27 17.84
C ASP A 276 13.72 -14.26 17.90
N GLU A 277 14.28 -14.03 19.08
CA GLU A 277 15.36 -13.05 19.20
C GLU A 277 16.60 -13.30 18.34
N ALA A 278 17.17 -14.51 18.41
CA ALA A 278 18.36 -14.84 17.64
C ALA A 278 18.17 -14.63 16.12
N GLU A 279 17.05 -15.14 15.61
CA GLU A 279 16.71 -15.02 14.20
C GLU A 279 16.58 -13.57 13.77
N VAL A 280 16.00 -12.73 14.63
CA VAL A 280 15.84 -11.32 14.32
C VAL A 280 17.22 -10.69 14.07
N ASN A 281 18.19 -11.05 14.91
CA ASN A 281 19.54 -10.52 14.77
C ASN A 281 20.30 -11.08 13.55
N LYS A 282 19.89 -12.26 13.09
CA LYS A 282 20.54 -12.89 11.95
C LYS A 282 19.94 -12.47 10.61
N TYR A 283 18.62 -12.34 10.58
CA TYR A 283 17.89 -12.01 9.37
C TYR A 283 17.44 -10.58 9.13
N PHE A 284 17.58 -9.71 10.13
CA PHE A 284 17.14 -8.33 9.95
C PHE A 284 18.18 -7.30 10.28
N VAL A 285 17.99 -6.10 9.75
CA VAL A 285 18.92 -5.00 9.97
C VAL A 285 18.13 -3.71 10.13
N ARG A 286 18.44 -2.95 11.16
CA ARG A 286 17.79 -1.67 11.43
C ARG A 286 18.90 -0.63 11.49
N ALA A 287 18.67 0.52 10.89
CA ALA A 287 19.67 1.58 10.87
C ALA A 287 19.05 2.98 11.03
N GLN A 288 19.92 3.98 11.13
CA GLN A 288 19.47 5.36 11.27
C GLN A 288 20.46 6.22 10.51
N TYR A 289 19.95 7.23 9.81
CA TYR A 289 20.81 8.09 8.99
C TYR A 289 21.60 9.19 9.67
N GLY A 290 22.87 9.28 9.27
CA GLY A 290 23.77 10.29 9.79
C GLY A 290 23.86 11.40 8.77
N ALA A 291 25.00 12.08 8.72
CA ALA A 291 25.19 13.17 7.76
C ALA A 291 25.59 12.63 6.40
N GLY A 292 25.33 13.42 5.36
CA GLY A 292 25.73 13.04 4.01
C GLY A 292 27.10 13.70 3.92
N ASP A 293 27.21 14.70 3.05
CA ASP A 293 28.46 15.45 2.92
C ASP A 293 27.97 16.87 3.14
N SER A 294 26.88 17.19 2.43
CA SER A 294 26.25 18.48 2.49
C SER A 294 25.55 18.72 3.83
N ALA A 295 25.65 19.96 4.33
CA ALA A 295 25.01 20.35 5.59
C ALA A 295 23.50 20.31 5.36
N ASP A 296 23.11 20.29 4.08
CA ASP A 296 21.72 20.20 3.66
C ASP A 296 21.16 18.90 4.22
N PHE A 297 22.02 17.87 4.28
CA PHE A 297 21.63 16.56 4.79
C PHE A 297 22.11 16.39 6.22
N LYS A 298 21.24 16.73 7.16
CA LYS A 298 21.51 16.64 8.59
C LYS A 298 21.21 15.26 9.15
N PRO A 299 21.97 14.83 10.16
CA PRO A 299 21.77 13.52 10.79
C PRO A 299 20.36 13.47 11.37
N TYR A 300 19.83 12.26 11.52
CA TYR A 300 18.49 12.08 12.08
C TYR A 300 18.36 12.77 13.43
N LEU A 301 19.33 12.53 14.32
CA LEU A 301 19.36 13.09 15.67
C LEU A 301 19.51 14.61 15.75
N GLU A 302 19.48 15.30 14.62
CA GLU A 302 19.58 16.75 14.60
C GLU A 302 18.38 17.33 13.89
N GLU A 303 17.40 16.48 13.59
CA GLU A 303 16.18 16.90 12.93
C GLU A 303 15.29 17.51 14.01
N LEU A 304 14.34 18.33 13.59
CA LEU A 304 13.42 18.94 14.53
C LEU A 304 12.50 17.86 15.09
N ASP A 305 12.15 17.98 16.37
CA ASP A 305 11.26 17.04 17.06
C ASP A 305 11.85 15.66 17.29
N VAL A 306 13.15 15.50 17.08
CA VAL A 306 13.78 14.20 17.27
C VAL A 306 14.61 14.20 18.55
N PRO A 307 14.35 13.25 19.45
CA PRO A 307 15.10 13.16 20.71
C PRO A 307 16.55 12.79 20.45
N ALA A 308 17.47 13.44 21.15
CA ALA A 308 18.91 13.22 21.00
C ALA A 308 19.41 11.87 21.54
N ASP A 309 18.48 10.97 21.80
CA ASP A 309 18.83 9.64 22.30
C ASP A 309 17.88 8.63 21.66
N SER A 310 17.28 9.04 20.54
CA SER A 310 16.35 8.20 19.81
C SER A 310 17.04 7.04 19.13
N LYS A 311 16.41 5.88 19.17
CA LYS A 311 16.92 4.67 18.53
C LYS A 311 15.96 4.29 17.42
N ASN A 312 15.18 5.27 16.96
CA ASN A 312 14.21 5.04 15.89
C ASN A 312 14.96 4.58 14.65
N ASN A 313 14.38 3.60 13.96
CA ASN A 313 14.97 3.07 12.74
C ASN A 313 14.43 3.80 11.51
N THR A 314 15.33 4.37 10.73
CA THR A 314 14.95 5.08 9.52
C THR A 314 15.17 4.18 8.29
N PHE A 315 15.69 2.98 8.52
CA PHE A 315 15.98 2.02 7.46
C PHE A 315 15.84 0.61 8.00
N ILE A 316 15.16 -0.24 7.25
CA ILE A 316 14.96 -1.64 7.62
C ILE A 316 15.28 -2.54 6.43
N ALA A 317 15.90 -3.69 6.69
CA ALA A 317 16.25 -4.65 5.65
C ALA A 317 16.16 -6.04 6.26
N GLY A 318 15.54 -6.98 5.56
CA GLY A 318 15.43 -8.32 6.11
C GLY A 318 15.14 -9.45 5.15
N GLU A 319 15.29 -10.68 5.66
CA GLU A 319 15.05 -11.89 4.88
C GLU A 319 13.80 -12.61 5.35
N LEU A 320 12.80 -12.71 4.49
CA LEU A 320 11.58 -13.41 4.82
C LEU A 320 11.64 -14.82 4.26
N GLN A 321 11.05 -15.77 4.98
CA GLN A 321 11.04 -17.16 4.57
C GLN A 321 9.63 -17.69 4.55
N PHE A 322 9.29 -18.39 3.47
CA PHE A 322 7.97 -19.00 3.32
C PHE A 322 8.14 -20.52 3.31
N ASP A 323 7.60 -21.17 4.34
CA ASP A 323 7.67 -22.61 4.49
C ASP A 323 6.65 -23.31 3.59
N LEU A 324 6.72 -23.03 2.30
CA LEU A 324 5.83 -23.63 1.31
C LEU A 324 6.67 -24.42 0.32
N PRO A 325 6.12 -25.51 -0.25
CA PRO A 325 6.87 -26.32 -1.19
C PRO A 325 7.46 -25.51 -2.34
N ARG A 326 6.68 -24.58 -2.88
CA ARG A 326 7.15 -23.77 -3.99
C ARG A 326 8.22 -22.77 -3.62
N TRP A 327 8.38 -22.47 -2.33
CA TRP A 327 9.39 -21.50 -1.91
C TRP A 327 10.48 -22.08 -1.01
N GLU A 328 10.58 -23.40 -0.96
CA GLU A 328 11.60 -24.07 -0.15
C GLU A 328 12.99 -23.49 -0.36
N GLY A 329 13.45 -22.68 0.57
CA GLY A 329 14.79 -22.11 0.45
C GLY A 329 14.99 -20.88 -0.40
N VAL A 330 13.91 -20.25 -0.84
CA VAL A 330 14.04 -19.04 -1.64
C VAL A 330 13.93 -17.83 -0.74
N PRO A 331 15.02 -17.08 -0.57
CA PRO A 331 15.00 -15.89 0.28
C PRO A 331 14.23 -14.73 -0.35
N PHE A 332 13.41 -14.05 0.47
CA PHE A 332 12.67 -12.88 0.02
C PHE A 332 13.29 -11.72 0.78
N TYR A 333 13.94 -10.81 0.06
CA TYR A 333 14.58 -9.68 0.71
C TYR A 333 13.77 -8.42 0.54
N VAL A 334 13.65 -7.66 1.62
CA VAL A 334 12.89 -6.41 1.60
C VAL A 334 13.75 -5.33 2.20
N ARG A 335 13.52 -4.09 1.78
CA ARG A 335 14.26 -2.96 2.33
C ARG A 335 13.47 -1.66 2.13
N SER A 336 13.47 -0.83 3.17
CA SER A 336 12.78 0.48 3.18
C SER A 336 13.61 1.44 4.01
N GLY A 337 13.85 2.64 3.49
CA GLY A 337 14.64 3.58 4.25
C GLY A 337 14.47 5.03 3.81
N LYS A 338 14.91 5.94 4.68
CA LYS A 338 14.83 7.36 4.40
C LYS A 338 16.25 7.80 4.04
N ARG A 339 16.35 8.96 3.38
CA ARG A 339 17.64 9.50 2.97
C ARG A 339 18.52 8.51 2.22
N LEU A 340 17.90 7.76 1.30
CA LEU A 340 18.64 6.80 0.50
C LEU A 340 19.00 7.46 -0.83
N ALA A 341 19.79 6.76 -1.64
CA ALA A 341 20.26 7.26 -2.92
C ALA A 341 19.20 7.81 -3.89
N ALA A 342 18.04 7.16 -3.97
CA ALA A 342 16.99 7.61 -4.88
C ALA A 342 15.59 7.26 -4.43
N LYS A 343 14.60 7.82 -5.12
CA LYS A 343 13.19 7.57 -4.83
C LYS A 343 12.78 6.51 -5.85
N GLN A 344 12.37 5.34 -5.37
CA GLN A 344 11.99 4.26 -6.28
C GLN A 344 11.33 3.10 -5.54
N THR A 345 10.36 2.47 -6.20
CA THR A 345 9.66 1.31 -5.64
C THR A 345 9.78 0.27 -6.74
N ARG A 346 10.37 -0.88 -6.43
CA ARG A 346 10.57 -1.92 -7.44
C ARG A 346 10.73 -3.33 -6.90
N VAL A 347 10.50 -4.29 -7.78
CA VAL A 347 10.62 -5.71 -7.47
C VAL A 347 11.68 -6.29 -8.43
N ASP A 348 12.63 -7.04 -7.88
CA ASP A 348 13.68 -7.67 -8.67
C ASP A 348 13.68 -9.18 -8.45
N ILE A 349 13.28 -9.93 -9.49
CA ILE A 349 13.26 -11.39 -9.40
C ILE A 349 14.55 -11.92 -10.03
N VAL A 350 15.37 -12.57 -9.21
CA VAL A 350 16.63 -13.11 -9.68
C VAL A 350 16.51 -14.62 -9.92
N PHE A 351 16.70 -15.05 -11.15
CA PHE A 351 16.60 -16.46 -11.47
C PHE A 351 17.95 -17.15 -11.24
N LYS A 352 17.91 -18.47 -11.04
CA LYS A 352 19.12 -19.25 -10.81
C LYS A 352 19.97 -19.30 -12.09
N ALA A 353 21.28 -19.39 -11.92
CA ALA A 353 22.19 -19.48 -13.05
C ALA A 353 22.03 -20.85 -13.70
N GLY A 354 22.34 -20.93 -15.00
CA GLY A 354 22.21 -22.20 -15.70
C GLY A 354 23.43 -23.06 -15.41
N THR A 355 23.25 -24.37 -15.45
CA THR A 355 24.35 -25.30 -15.21
C THR A 355 25.05 -25.75 -16.49
N PHE A 356 24.53 -25.30 -17.63
CA PHE A 356 25.09 -25.63 -18.94
C PHE A 356 26.39 -24.84 -19.15
N ASN A 357 27.48 -25.56 -19.40
CA ASN A 357 28.77 -24.94 -19.64
C ASN A 357 29.06 -24.76 -21.12
N PHE A 358 29.63 -23.61 -21.46
CA PHE A 358 30.00 -23.27 -22.83
C PHE A 358 31.51 -23.37 -22.97
N GLY A 359 32.19 -23.61 -21.85
CA GLY A 359 33.65 -23.68 -21.86
C GLY A 359 34.21 -22.29 -22.01
N SER A 360 33.34 -21.29 -21.96
CA SER A 360 33.71 -19.89 -22.10
C SER A 360 34.39 -19.27 -20.90
N GLU A 361 34.96 -18.09 -21.11
CA GLU A 361 35.65 -17.32 -20.08
C GLU A 361 34.65 -16.98 -19.00
N GLN A 362 33.56 -16.33 -19.41
CA GLN A 362 32.47 -15.95 -18.52
C GLN A 362 31.32 -16.91 -18.76
N GLU A 363 31.04 -17.76 -17.78
CA GLU A 363 29.93 -18.69 -17.89
C GLU A 363 28.65 -17.96 -17.53
N ALA A 364 27.51 -18.57 -17.85
CA ALA A 364 26.20 -17.99 -17.59
C ALA A 364 25.99 -17.44 -16.19
N GLN A 365 25.35 -16.28 -16.11
CA GLN A 365 25.05 -15.63 -14.84
C GLN A 365 23.54 -15.69 -14.57
N GLU A 366 23.10 -15.00 -13.52
CA GLU A 366 21.69 -14.98 -13.15
C GLU A 366 20.89 -13.94 -13.93
N ALA A 367 19.75 -14.36 -14.47
CA ALA A 367 18.87 -13.47 -15.22
C ALA A 367 18.07 -12.68 -14.17
N VAL A 368 17.48 -11.55 -14.56
CA VAL A 368 16.72 -10.73 -13.62
C VAL A 368 15.51 -10.04 -14.24
N LEU A 369 14.34 -10.22 -13.62
CA LEU A 369 13.13 -9.55 -14.10
C LEU A 369 12.81 -8.44 -13.10
N SER A 370 13.02 -7.20 -13.54
CA SER A 370 12.77 -6.03 -12.72
C SER A 370 11.50 -5.32 -13.13
N ILE A 371 10.62 -5.12 -12.16
CA ILE A 371 9.37 -4.42 -12.37
C ILE A 371 9.47 -3.13 -11.55
N ILE A 372 9.53 -2.00 -12.24
CA ILE A 372 9.65 -0.69 -11.60
C ILE A 372 8.29 -0.01 -11.46
N ILE A 373 7.91 0.26 -10.22
CA ILE A 373 6.63 0.86 -9.87
C ILE A 373 6.67 2.40 -9.79
N ASP A 374 7.62 2.92 -9.02
CA ASP A 374 7.77 4.38 -8.88
C ASP A 374 9.21 4.70 -9.26
N PRO A 375 9.47 5.91 -9.81
CA PRO A 375 8.53 7.00 -10.11
C PRO A 375 7.63 6.74 -11.32
N LYS A 376 8.13 5.95 -12.26
CA LYS A 376 7.38 5.65 -13.47
C LYS A 376 7.53 4.18 -13.80
N GLY A 377 6.43 3.56 -14.23
CA GLY A 377 6.43 2.14 -14.56
C GLY A 377 7.36 1.74 -15.70
N ALA A 378 8.14 0.70 -15.45
CA ALA A 378 9.10 0.17 -16.41
C ALA A 378 9.29 -1.31 -16.12
N ILE A 379 9.68 -2.06 -17.15
CA ILE A 379 9.92 -3.49 -16.99
C ILE A 379 11.19 -3.83 -17.74
N GLU A 380 12.20 -4.29 -17.00
CA GLU A 380 13.49 -4.65 -17.56
C GLU A 380 13.73 -6.15 -17.38
N LEU A 381 14.36 -6.77 -18.36
CA LEU A 381 14.66 -8.20 -18.27
C LEU A 381 16.10 -8.45 -18.70
N LYS A 382 16.93 -8.77 -17.73
CA LYS A 382 18.33 -9.05 -17.98
C LYS A 382 18.45 -10.52 -18.37
N LEU A 383 19.08 -10.77 -19.51
CA LEU A 383 19.26 -12.13 -20.00
C LEU A 383 20.71 -12.36 -20.42
N ASN A 384 21.06 -13.64 -20.53
CA ASN A 384 22.37 -14.02 -20.96
C ASN A 384 22.34 -14.12 -22.49
N ALA A 385 23.41 -13.66 -23.14
CA ALA A 385 23.54 -13.68 -24.59
C ALA A 385 25.02 -13.81 -24.97
N LYS A 386 25.36 -13.57 -26.23
CA LYS A 386 26.74 -13.69 -26.68
C LYS A 386 27.40 -12.33 -26.76
N SER A 387 28.63 -12.23 -26.26
CA SER A 387 29.39 -11.00 -26.28
C SER A 387 29.98 -10.79 -27.67
N VAL A 388 30.36 -9.56 -27.98
CA VAL A 388 30.94 -9.27 -29.28
C VAL A 388 32.47 -9.37 -29.23
N GLU A 389 32.94 -10.61 -29.10
CA GLU A 389 34.37 -10.93 -29.03
C GLU A 389 34.65 -12.00 -30.09
N ASP A 390 35.93 -12.31 -30.31
CA ASP A 390 36.33 -13.32 -31.29
C ASP A 390 36.05 -14.73 -30.76
N ALA A 391 36.36 -14.94 -29.49
CA ALA A 391 36.13 -16.22 -28.84
C ALA A 391 34.71 -16.21 -28.28
N PHE A 392 34.06 -17.37 -28.28
CA PHE A 392 32.70 -17.46 -27.78
C PHE A 392 32.68 -17.10 -26.30
N ASN A 393 31.81 -16.17 -25.93
CA ASN A 393 31.71 -15.75 -24.54
C ASN A 393 30.33 -15.14 -24.29
N THR A 394 29.84 -15.28 -23.06
CA THR A 394 28.53 -14.72 -22.73
C THR A 394 28.65 -13.39 -22.00
N ARG A 395 27.55 -12.66 -22.00
CA ARG A 395 27.43 -11.36 -21.37
C ARG A 395 25.95 -11.28 -20.99
N THR A 396 25.53 -10.15 -20.42
CA THR A 396 24.12 -9.99 -20.10
C THR A 396 23.65 -8.72 -20.79
N ILE A 397 22.40 -8.76 -21.23
CA ILE A 397 21.79 -7.63 -21.90
C ILE A 397 20.44 -7.36 -21.26
N ASP A 398 19.96 -6.14 -21.41
CA ASP A 398 18.69 -5.75 -20.81
C ASP A 398 17.65 -5.37 -21.85
N LEU A 399 16.53 -6.10 -21.87
CA LEU A 399 15.42 -5.79 -22.77
C LEU A 399 14.62 -4.79 -21.96
N GLY A 400 14.18 -3.70 -22.56
CA GLY A 400 13.42 -2.73 -21.80
C GLY A 400 12.12 -2.21 -22.35
N TRP A 401 11.23 -1.85 -21.44
CA TRP A 401 9.94 -1.28 -21.76
C TRP A 401 9.69 -0.15 -20.75
N THR A 402 8.87 0.81 -21.14
CA THR A 402 8.58 1.97 -20.32
C THR A 402 7.14 2.41 -20.61
N VAL A 403 6.47 3.00 -19.62
CA VAL A 403 5.10 3.46 -19.83
C VAL A 403 5.11 4.65 -20.82
N SER A 404 4.18 4.65 -21.76
CA SER A 404 4.11 5.73 -22.73
C SER A 404 3.39 6.94 -22.13
N ASP A 405 3.55 8.10 -22.76
CA ASP A 405 2.88 9.31 -22.29
C ASP A 405 1.37 9.10 -22.23
N GLU A 406 0.85 8.42 -23.24
CA GLU A 406 -0.58 8.13 -23.31
C GLU A 406 -0.98 7.29 -22.10
N ASP A 407 -0.15 6.30 -21.77
CA ASP A 407 -0.42 5.42 -20.64
C ASP A 407 -0.43 6.22 -19.34
N LYS A 408 0.63 7.00 -19.13
CA LYS A 408 0.77 7.82 -17.93
C LYS A 408 -0.41 8.78 -17.69
N LYS A 409 -0.94 9.37 -18.76
CA LYS A 409 -2.06 10.31 -18.64
C LYS A 409 -3.37 9.62 -18.34
N ASN A 410 -3.53 8.40 -18.83
CA ASN A 410 -4.75 7.64 -18.62
C ASN A 410 -4.72 6.83 -17.32
N THR A 411 -3.56 6.80 -16.66
CA THR A 411 -3.42 6.04 -15.42
C THR A 411 -4.28 6.61 -14.30
N PRO A 412 -5.22 5.79 -13.79
CA PRO A 412 -6.11 6.21 -12.70
C PRO A 412 -5.40 6.31 -11.35
N GLU A 413 -5.40 7.51 -10.75
CA GLU A 413 -4.76 7.71 -9.44
C GLU A 413 -5.27 6.70 -8.41
N PRO A 414 -4.34 6.16 -7.57
CA PRO A 414 -4.67 5.17 -6.56
C PRO A 414 -6.01 5.33 -5.82
N TYR A 415 -6.29 6.53 -5.29
CA TYR A 415 -7.55 6.73 -4.59
C TYR A 415 -8.77 6.55 -5.49
N GLU A 416 -8.69 7.08 -6.72
CA GLU A 416 -9.82 6.91 -7.62
C GLU A 416 -10.10 5.43 -7.80
N ARG A 417 -9.03 4.66 -7.95
CA ARG A 417 -9.13 3.22 -8.13
C ARG A 417 -9.78 2.55 -6.91
N MET A 418 -9.21 2.77 -5.74
CA MET A 418 -9.74 2.15 -4.51
C MET A 418 -11.21 2.46 -4.28
N ILE A 419 -11.58 3.72 -4.50
CA ILE A 419 -12.96 4.13 -4.33
C ILE A 419 -13.83 3.42 -5.36
N HIS A 420 -13.34 3.32 -6.59
CA HIS A 420 -14.09 2.68 -7.65
C HIS A 420 -14.30 1.18 -7.38
N ASP A 421 -13.26 0.52 -6.88
CA ASP A 421 -13.35 -0.91 -6.61
C ASP A 421 -14.38 -1.17 -5.52
N THR A 422 -14.39 -0.33 -4.50
CA THR A 422 -15.33 -0.47 -3.41
C THR A 422 -16.76 -0.31 -3.88
N MET A 423 -17.02 0.64 -4.77
CA MET A 423 -18.38 0.81 -5.28
C MET A 423 -18.79 -0.45 -6.04
N ASN A 424 -17.80 -1.11 -6.64
CA ASN A 424 -18.04 -2.35 -7.40
C ASN A 424 -18.07 -3.56 -6.47
N GLY A 425 -17.42 -3.42 -5.32
CA GLY A 425 -17.38 -4.49 -4.34
C GLY A 425 -16.34 -5.51 -4.69
N ASP A 426 -15.13 -5.05 -4.97
CA ASP A 426 -14.05 -5.94 -5.34
C ASP A 426 -12.85 -5.86 -4.38
N GLY A 427 -12.75 -6.88 -3.53
CA GLY A 427 -11.66 -6.92 -2.57
C GLY A 427 -10.33 -7.41 -3.12
N SER A 428 -10.25 -7.62 -4.44
CA SER A 428 -9.02 -8.11 -5.08
C SER A 428 -7.80 -7.28 -4.74
N ASN A 429 -7.99 -5.95 -4.73
CA ASN A 429 -6.88 -5.04 -4.46
C ASN A 429 -6.80 -4.54 -3.01
N PHE A 430 -7.41 -5.26 -2.09
CA PHE A 430 -7.39 -4.87 -0.69
C PHE A 430 -6.89 -6.02 0.18
N ALA A 431 -6.23 -5.66 1.28
CA ALA A 431 -5.69 -6.65 2.21
C ALA A 431 -6.83 -7.17 3.09
N ASP A 432 -6.89 -8.47 3.32
CA ASP A 432 -7.94 -9.04 4.14
C ASP A 432 -7.43 -9.22 5.57
N TRP A 433 -8.35 -9.40 6.50
CA TRP A 433 -7.99 -9.57 7.91
C TRP A 433 -6.87 -10.59 8.11
N ASN A 434 -7.03 -11.76 7.52
CA ASN A 434 -6.04 -12.84 7.62
C ASN A 434 -4.66 -12.37 7.20
N GLY A 435 -4.61 -11.58 6.13
CA GLY A 435 -3.34 -11.07 5.66
C GLY A 435 -2.75 -10.10 6.67
N VAL A 436 -3.57 -9.18 7.15
CA VAL A 436 -3.11 -8.18 8.11
C VAL A 436 -2.66 -8.79 9.45
N SER A 437 -3.44 -9.73 9.97
CA SER A 437 -3.10 -10.37 11.24
C SER A 437 -1.69 -10.97 11.21
N ILE A 438 -1.40 -11.73 10.18
CA ILE A 438 -0.08 -12.34 10.03
C ILE A 438 1.03 -11.28 9.91
N ALA A 439 0.77 -10.23 9.13
CA ALA A 439 1.74 -9.17 8.95
C ALA A 439 2.08 -8.55 10.31
N TRP A 440 1.04 -8.31 11.12
CA TRP A 440 1.26 -7.75 12.45
C TRP A 440 2.06 -8.73 13.30
N LYS A 441 1.63 -9.99 13.32
CA LYS A 441 2.31 -11.03 14.09
C LYS A 441 3.78 -11.11 13.70
N PHE A 442 4.06 -10.94 12.41
CA PHE A 442 5.43 -11.00 11.93
C PHE A 442 6.23 -9.79 12.42
N VAL A 443 5.67 -8.60 12.23
CA VAL A 443 6.34 -7.38 12.67
C VAL A 443 6.50 -7.26 14.20
N ASP A 444 5.50 -7.72 14.95
CA ASP A 444 5.56 -7.63 16.42
C ASP A 444 6.78 -8.32 17.01
N ALA A 445 7.12 -9.49 16.48
CA ALA A 445 8.27 -10.26 16.95
C ALA A 445 9.56 -9.48 16.73
N ILE A 446 9.59 -8.65 15.69
CA ILE A 446 10.78 -7.84 15.41
C ILE A 446 10.82 -6.66 16.38
N SER A 447 9.70 -5.94 16.47
CA SER A 447 9.58 -4.78 17.36
C SER A 447 9.92 -5.12 18.80
N ALA A 448 9.53 -6.31 19.26
CA ALA A 448 9.80 -6.77 20.62
C ALA A 448 11.30 -6.70 20.92
N VAL A 449 12.09 -7.10 19.93
CA VAL A 449 13.54 -7.11 20.04
C VAL A 449 14.09 -5.69 19.96
N TYR A 450 13.41 -4.81 19.24
CA TYR A 450 13.87 -3.43 19.12
C TYR A 450 13.56 -2.61 20.35
N THR A 451 12.32 -2.67 20.81
CA THR A 451 11.90 -1.93 22.00
C THR A 451 12.70 -2.40 23.22
N ALA A 452 13.13 -3.66 23.21
CA ALA A 452 13.92 -4.21 24.30
C ALA A 452 15.40 -3.88 24.10
N ASP A 453 15.73 -3.35 22.92
CA ASP A 453 17.10 -2.98 22.56
C ASP A 453 18.04 -4.18 22.48
N LYS A 454 17.53 -5.30 21.97
CA LYS A 454 18.33 -6.51 21.85
C LYS A 454 18.78 -6.80 20.42
N ALA A 455 19.28 -5.74 19.77
CA ALA A 455 19.79 -5.78 18.41
C ALA A 455 20.52 -4.45 18.27
N PRO A 456 21.60 -4.41 17.49
CA PRO A 456 22.34 -3.15 17.32
C PRO A 456 21.63 -2.16 16.40
N LEU A 457 21.97 -0.88 16.52
CA LEU A 457 21.39 0.13 15.66
C LEU A 457 22.51 0.61 14.75
N GLU A 458 22.37 0.32 13.47
CA GLU A 458 23.36 0.70 12.49
C GLU A 458 23.20 2.17 12.10
N THR A 459 24.20 2.71 11.44
CA THR A 459 24.19 4.09 10.96
C THR A 459 24.60 4.06 9.49
N TYR A 460 24.25 5.13 8.76
CA TYR A 460 24.60 5.23 7.36
C TYR A 460 24.60 6.67 6.88
N LYS A 461 25.58 7.01 6.06
CA LYS A 461 25.69 8.35 5.49
C LYS A 461 24.51 8.56 4.56
N SER A 462 23.80 9.67 4.75
CA SER A 462 22.63 9.97 3.92
C SER A 462 23.00 10.03 2.45
N GLY A 463 22.13 9.47 1.61
CA GLY A 463 22.39 9.46 0.18
C GLY A 463 22.95 8.13 -0.27
N SER A 464 23.34 7.30 0.68
CA SER A 464 23.89 5.98 0.36
C SER A 464 22.71 5.06 0.06
N MET A 465 22.94 3.75 0.12
CA MET A 465 21.86 2.80 -0.13
C MET A 465 21.56 2.03 1.14
N GLY A 466 22.22 2.44 2.22
CA GLY A 466 22.00 1.78 3.51
C GLY A 466 23.31 1.38 4.12
N PRO A 467 23.28 0.77 5.32
CA PRO A 467 24.49 0.33 6.02
C PRO A 467 25.10 -0.90 5.34
N GLU A 468 26.39 -1.14 5.61
CA GLU A 468 27.08 -2.28 5.05
C GLU A 468 26.36 -3.59 5.40
N ALA A 469 25.74 -3.60 6.57
CA ALA A 469 25.01 -4.77 7.05
C ALA A 469 23.94 -5.24 6.08
N SER A 470 23.44 -4.32 5.26
CA SER A 470 22.41 -4.68 4.28
C SER A 470 23.04 -5.64 3.26
N ASP A 471 24.23 -5.27 2.77
CA ASP A 471 24.97 -6.07 1.81
C ASP A 471 25.33 -7.42 2.42
N LYS A 472 25.93 -7.41 3.60
CA LYS A 472 26.32 -8.64 4.28
C LYS A 472 25.15 -9.59 4.54
N LEU A 473 23.95 -9.04 4.69
CA LEU A 473 22.78 -9.88 4.93
C LEU A 473 22.51 -10.73 3.69
N LEU A 474 22.75 -10.15 2.51
CA LEU A 474 22.54 -10.88 1.27
C LEU A 474 23.76 -11.72 0.91
N ALA A 475 24.96 -11.18 1.16
CA ALA A 475 26.19 -11.89 0.87
C ALA A 475 26.20 -13.27 1.51
N ALA A 476 25.59 -13.38 2.70
CA ALA A 476 25.51 -14.64 3.45
C ALA A 476 24.93 -15.80 2.65
N ASN A 477 23.97 -15.52 1.78
CA ASN A 477 23.34 -16.54 0.94
C ASN A 477 23.88 -16.53 -0.47
N GLY A 478 24.98 -15.80 -0.67
CA GLY A 478 25.57 -15.69 -1.99
C GLY A 478 24.68 -14.86 -2.87
N ASP A 479 24.19 -13.75 -2.34
CA ASP A 479 23.30 -12.87 -3.07
C ASP A 479 23.79 -11.43 -3.00
N ALA A 480 23.11 -10.53 -3.71
CA ALA A 480 23.45 -9.10 -3.71
C ALA A 480 22.28 -8.31 -4.30
N TRP A 481 22.16 -7.05 -3.89
CA TRP A 481 21.09 -6.18 -4.39
C TRP A 481 21.28 -5.84 -5.86
N VAL A 482 20.21 -5.91 -6.62
CA VAL A 482 20.25 -5.58 -8.04
C VAL A 482 20.32 -4.06 -8.22
N PHE A 483 19.50 -3.34 -7.46
CA PHE A 483 19.49 -1.88 -7.52
C PHE A 483 20.49 -1.28 -6.51
N LYS A 484 21.14 -0.19 -6.87
CA LYS A 484 22.10 0.44 -5.97
C LYS A 484 22.35 1.94 -6.18
N GLY A 485 21.29 2.65 -6.55
CA GLY A 485 21.42 4.08 -6.77
C GLY A 485 21.86 4.44 -8.18
PA NAD B . -8.17 16.19 9.52
O1A NAD B . -7.20 15.50 10.41
O2A NAD B . -7.89 17.64 9.48
O5B NAD B . -9.63 16.16 10.21
C5B NAD B . -10.66 15.60 9.38
C4B NAD B . -12.07 15.82 9.89
O4B NAD B . -12.21 15.23 11.21
C3B NAD B . -12.43 17.28 10.06
O3B NAD B . -13.56 17.55 9.23
C2B NAD B . -12.82 17.42 11.54
O2B NAD B . -13.93 18.29 11.70
C1B NAD B . -13.20 15.97 11.86
N9A NAD B . -13.32 15.71 13.31
C8A NAD B . -12.34 15.81 14.27
N7A NAD B . -12.73 15.39 15.46
C5A NAD B . -14.01 14.99 15.26
C6A NAD B . -14.90 14.48 16.18
N6A NAD B . -14.52 14.45 17.50
N1A NAD B . -16.12 14.14 15.68
C2A NAD B . -16.40 14.35 14.40
N3A NAD B . -15.63 14.88 13.45
C4A NAD B . -14.42 15.16 13.96
O3 NAD B . -8.18 15.60 8.04
PN NAD B . -7.93 14.49 6.93
O1N NAD B . -6.77 14.82 6.06
O2N NAD B . -9.13 14.26 6.09
O5D NAD B . -7.54 13.09 7.57
C5D NAD B . -6.28 12.51 7.42
C4D NAD B . -6.50 11.10 6.94
O4D NAD B . -5.31 10.69 6.22
C3D NAD B . -6.59 10.21 8.17
O3D NAD B . -7.74 9.38 8.12
C2D NAD B . -5.31 9.40 8.11
O2D NAD B . -5.52 8.07 8.57
C1D NAD B . -5.00 9.39 6.63
N1N NAD B . -3.64 8.98 6.23
C2N NAD B . -2.73 8.63 7.15
C3N NAD B . -1.40 8.60 6.85
C7N NAD B . -0.23 8.41 7.74
O7N NAD B . 0.45 7.40 7.61
N7N NAD B . -0.11 9.41 8.65
C4N NAD B . -1.00 8.79 5.55
C5N NAD B . -1.95 9.05 4.59
C6N NAD B . -3.26 9.13 4.96
#